data_2OYR
#
_entry.id   2OYR
#
_cell.length_a   42.403
_cell.length_b   74.737
_cell.length_c   79.423
_cell.angle_alpha   90.00
_cell.angle_beta   90.00
_cell.angle_gamma   90.00
#
_symmetry.space_group_name_H-M   'P 21 21 21'
#
loop_
_entity.id
_entity.type
_entity.pdbx_description
1 polymer 'UPF0341 protein yhiQ'
2 non-polymer S-ADENOSYL-L-HOMOCYSTEINE
3 water water
#
_entity_poly.entity_id   1
_entity_poly.type   'polypeptide(L)'
_entity_poly.pdbx_seq_one_letter_code
;(MSE)KICLIDETGAGDGALSVLAARWGLEHDEDNL(MSE)ALVLTPEHLELRKRDEPKLGGIFVDFVGGA(MSE)AHRR
KFGGGRGEAVAKAVGIKGDYLPDVVDATAGLGRDAFVLASVGCRVR(MSE)LERNPVVAALLDDGLARGYADAEIGGWLQ
ERLQLIHASSLTALTDITPRPQVVYLDP(MSE)FPHKQKSALVKKE(MSE)RVFQSLVGPDLDADGLLEPARLLATKRVV
VKRPDYAPPLANVATPNAVVTKGHRFDIYAGTPVLEHHHHHH
;
_entity_poly.pdbx_strand_id   A
#
loop_
_chem_comp.id
_chem_comp.type
_chem_comp.name
_chem_comp.formula
SAH non-polymer S-ADENOSYL-L-HOMOCYSTEINE 'C14 H20 N6 O5 S'
#
# COMPACT_ATOMS: atom_id res chain seq x y z
N MSE A 1 9.23 16.65 -0.38
CA MSE A 1 10.21 15.52 -0.39
C MSE A 1 11.15 15.56 -1.59
O MSE A 1 10.71 15.65 -2.73
CB MSE A 1 9.47 14.18 -0.37
CG MSE A 1 10.37 12.99 -0.58
SE MSE A 1 9.44 11.34 -0.24
CE MSE A 1 10.97 10.21 0.13
N LYS A 2 12.45 15.46 -1.33
CA LYS A 2 13.45 15.48 -2.38
C LYS A 2 13.54 14.16 -3.15
N ILE A 3 13.83 14.27 -4.45
CA ILE A 3 13.98 13.12 -5.33
C ILE A 3 14.34 13.65 -6.72
N CYS A 4 15.05 12.85 -7.52
CA CYS A 4 15.42 13.29 -8.86
C CYS A 4 14.23 13.08 -9.80
N LEU A 5 13.65 14.17 -10.28
CA LEU A 5 12.52 14.08 -11.18
C LEU A 5 12.98 14.05 -12.63
N ILE A 6 12.62 12.99 -13.35
CA ILE A 6 13.03 12.81 -14.74
C ILE A 6 11.85 12.70 -15.68
N ASP A 7 11.91 13.44 -16.78
CA ASP A 7 10.84 13.46 -17.76
C ASP A 7 11.25 12.69 -19.01
N GLU A 8 10.61 11.55 -19.26
CA GLU A 8 10.91 10.75 -20.43
C GLU A 8 9.66 10.62 -21.29
N THR A 9 8.85 11.67 -21.32
CA THR A 9 7.60 11.63 -22.09
C THR A 9 7.67 12.34 -23.43
N GLY A 10 8.59 13.29 -23.55
CA GLY A 10 8.72 14.05 -24.78
C GLY A 10 7.50 14.90 -25.08
N ALA A 11 6.60 15.06 -24.11
CA ALA A 11 5.40 15.86 -24.33
C ALA A 11 5.60 17.37 -24.17
N GLY A 12 6.26 17.76 -23.08
CA GLY A 12 6.49 19.17 -22.83
C GLY A 12 5.25 19.90 -22.32
N ASP A 13 4.24 19.13 -21.90
CA ASP A 13 3.00 19.73 -21.41
C ASP A 13 3.01 20.08 -19.92
N GLY A 14 4.14 19.83 -19.26
CA GLY A 14 4.23 20.15 -17.85
C GLY A 14 3.65 19.09 -16.92
N ALA A 15 3.37 17.90 -17.44
CA ALA A 15 2.81 16.84 -16.61
C ALA A 15 3.65 16.59 -15.35
N LEU A 16 4.96 16.46 -15.53
CA LEU A 16 5.84 16.21 -14.38
C LEU A 16 5.83 17.37 -13.37
N SER A 17 5.82 18.60 -13.87
CA SER A 17 5.81 19.76 -12.98
C SER A 17 4.50 19.79 -12.21
N VAL A 18 3.40 19.45 -12.88
CA VAL A 18 2.09 19.44 -12.23
C VAL A 18 2.07 18.35 -11.16
N LEU A 19 2.68 17.21 -11.47
CA LEU A 19 2.74 16.09 -10.55
C LEU A 19 3.55 16.40 -9.30
N ALA A 20 4.69 17.06 -9.48
CA ALA A 20 5.54 17.44 -8.36
C ALA A 20 4.81 18.43 -7.46
N ALA A 21 4.12 19.38 -8.06
CA ALA A 21 3.38 20.39 -7.32
C ALA A 21 2.26 19.73 -6.51
N ARG A 22 1.50 18.86 -7.18
CA ARG A 22 0.40 18.14 -6.56
C ARG A 22 0.85 17.33 -5.34
N TRP A 23 1.98 16.63 -5.47
CA TRP A 23 2.49 15.81 -4.37
C TRP A 23 3.56 16.47 -3.52
N GLY A 24 3.85 17.74 -3.81
CA GLY A 24 4.86 18.46 -3.04
C GLY A 24 6.26 17.88 -3.18
N LEU A 25 6.62 17.45 -4.38
CA LEU A 25 7.95 16.90 -4.61
C LEU A 25 8.94 17.98 -5.03
N GLU A 26 10.17 17.86 -4.56
CA GLU A 26 11.23 18.81 -4.87
C GLU A 26 12.31 18.13 -5.69
N HIS A 27 12.62 18.68 -6.86
CA HIS A 27 13.64 18.07 -7.69
C HIS A 27 15.01 18.14 -7.01
N ASP A 28 15.72 17.01 -6.98
CA ASP A 28 17.03 16.95 -6.36
C ASP A 28 17.95 16.24 -7.36
N GLU A 29 18.66 17.04 -8.16
CA GLU A 29 19.57 16.54 -9.20
C GLU A 29 20.51 15.41 -8.83
N ASP A 30 21.08 15.48 -7.64
CA ASP A 30 22.02 14.46 -7.21
C ASP A 30 21.43 13.43 -6.27
N ASN A 31 20.10 13.31 -6.29
CA ASN A 31 19.42 12.35 -5.41
C ASN A 31 19.74 10.90 -5.80
N LEU A 32 19.78 10.03 -4.80
CA LEU A 32 20.07 8.61 -5.04
C LEU A 32 18.90 7.93 -5.74
N MSE A 33 17.69 8.46 -5.53
CA MSE A 33 16.47 7.91 -6.14
C MSE A 33 15.93 8.84 -7.23
O MSE A 33 16.10 10.05 -7.17
CB MSE A 33 15.38 7.74 -5.08
CG MSE A 33 15.75 6.87 -3.88
SE MSE A 33 16.17 5.05 -4.35
CE MSE A 33 14.37 4.41 -4.70
N ALA A 34 15.26 8.26 -8.22
CA ALA A 34 14.67 9.02 -9.31
C ALA A 34 13.23 8.60 -9.56
N LEU A 35 12.39 9.60 -9.81
CA LEU A 35 10.98 9.37 -10.11
C LEU A 35 10.88 9.79 -11.57
N VAL A 36 10.61 8.82 -12.44
CA VAL A 36 10.57 9.06 -13.87
C VAL A 36 9.21 8.92 -14.52
N LEU A 37 8.79 9.93 -15.27
CA LEU A 37 7.51 9.87 -15.95
C LEU A 37 7.81 9.38 -17.37
N THR A 38 7.35 8.17 -17.69
CA THR A 38 7.58 7.60 -19.02
C THR A 38 6.28 7.61 -19.82
N PRO A 39 6.33 7.23 -21.11
CA PRO A 39 5.11 7.22 -21.90
C PRO A 39 4.15 6.13 -21.44
N GLU A 40 4.66 5.18 -20.67
CA GLU A 40 3.83 4.08 -20.22
C GLU A 40 3.32 4.27 -18.79
N HIS A 41 4.14 4.87 -17.94
CA HIS A 41 3.77 5.06 -16.53
C HIS A 41 4.81 5.83 -15.74
N LEU A 42 4.52 6.05 -14.46
CA LEU A 42 5.44 6.73 -13.56
C LEU A 42 6.16 5.61 -12.81
N GLU A 43 7.49 5.62 -12.82
CA GLU A 43 8.24 4.58 -12.11
C GLU A 43 9.31 5.16 -11.19
N LEU A 44 9.80 4.31 -10.29
CA LEU A 44 10.82 4.68 -9.31
C LEU A 44 12.11 3.92 -9.64
N ARG A 45 13.23 4.63 -9.67
CA ARG A 45 14.52 4.00 -9.98
C ARG A 45 15.58 4.25 -8.92
N LYS A 46 16.51 3.32 -8.80
CA LYS A 46 17.64 3.41 -7.88
C LYS A 46 18.81 3.73 -8.81
N ARG A 47 19.07 5.01 -8.99
CA ARG A 47 20.11 5.52 -9.89
C ARG A 47 21.46 4.82 -9.88
N ASP A 48 21.92 4.33 -8.72
CA ASP A 48 23.21 3.68 -8.61
C ASP A 48 23.16 2.21 -8.99
N GLU A 49 21.95 1.70 -9.21
CA GLU A 49 21.78 0.30 -9.56
C GLU A 49 20.75 0.12 -10.68
N PRO A 50 21.12 0.51 -11.91
CA PRO A 50 20.25 0.40 -13.09
C PRO A 50 19.80 -1.04 -13.35
N LYS A 51 20.64 -2.00 -13.01
CA LYS A 51 20.31 -3.40 -13.22
C LYS A 51 19.02 -3.81 -12.51
N LEU A 52 18.67 -3.08 -11.46
CA LEU A 52 17.45 -3.38 -10.72
C LEU A 52 16.22 -2.93 -11.50
N GLY A 53 16.42 -2.06 -12.48
CA GLY A 53 15.30 -1.58 -13.28
C GLY A 53 14.42 -0.62 -12.50
N GLY A 54 13.26 -0.31 -13.07
CA GLY A 54 12.35 0.60 -12.39
C GLY A 54 11.13 -0.14 -11.87
N ILE A 55 10.51 0.41 -10.82
CA ILE A 55 9.31 -0.22 -10.27
C ILE A 55 8.15 0.73 -10.42
N PHE A 56 6.97 0.17 -10.69
CA PHE A 56 5.76 0.96 -10.86
C PHE A 56 4.57 0.11 -10.43
N VAL A 57 3.48 0.79 -10.09
CA VAL A 57 2.26 0.13 -9.65
C VAL A 57 1.42 -0.24 -10.86
N ASP A 58 1.11 -1.53 -10.98
CA ASP A 58 0.33 -2.02 -12.10
C ASP A 58 -0.73 -3.02 -11.65
N PHE A 59 -1.98 -2.58 -11.60
CA PHE A 59 -3.09 -3.42 -11.17
C PHE A 59 -3.62 -4.29 -12.31
N VAL A 60 -3.34 -3.87 -13.54
CA VAL A 60 -3.81 -4.57 -14.72
C VAL A 60 -2.95 -5.76 -15.16
N GLY A 61 -1.64 -5.65 -15.05
CA GLY A 61 -0.79 -6.75 -15.46
C GLY A 61 0.27 -7.16 -14.47
N GLY A 62 1.30 -7.82 -14.98
CA GLY A 62 2.41 -8.26 -14.15
C GLY A 62 2.05 -9.11 -12.95
N ALA A 63 2.84 -8.94 -11.89
CA ALA A 63 2.68 -9.69 -10.66
C ALA A 63 1.30 -9.56 -10.00
N MSE A 64 0.69 -8.38 -10.07
CA MSE A 64 -0.61 -8.21 -9.45
C MSE A 64 -1.70 -9.02 -10.16
O MSE A 64 -2.57 -9.59 -9.51
CB MSE A 64 -1.00 -6.73 -9.40
CG MSE A 64 -0.07 -5.88 -8.54
SE MSE A 64 -0.74 -4.05 -8.26
CE MSE A 64 -1.45 -4.31 -6.47
N ALA A 65 -1.64 -9.07 -11.49
CA ALA A 65 -2.63 -9.81 -12.26
C ALA A 65 -2.45 -11.31 -12.06
N HIS A 66 -1.21 -11.74 -11.91
CA HIS A 66 -0.88 -13.14 -11.70
C HIS A 66 -1.41 -13.57 -10.31
N ARG A 67 -1.17 -12.74 -9.30
CA ARG A 67 -1.64 -13.03 -7.96
C ARG A 67 -3.17 -13.09 -7.89
N ARG A 68 -3.83 -12.20 -8.65
CA ARG A 68 -5.29 -12.16 -8.67
C ARG A 68 -5.86 -13.45 -9.22
N LYS A 69 -5.18 -14.01 -10.22
CA LYS A 69 -5.66 -15.24 -10.82
C LYS A 69 -5.22 -16.52 -10.12
N PHE A 70 -4.01 -16.53 -9.58
CA PHE A 70 -3.48 -17.73 -8.91
C PHE A 70 -3.27 -17.61 -7.41
N GLY A 71 -3.49 -16.42 -6.86
CA GLY A 71 -3.28 -16.22 -5.43
C GLY A 71 -4.29 -16.91 -4.52
N GLY A 72 -5.53 -17.09 -5.00
CA GLY A 72 -6.53 -17.76 -4.20
C GLY A 72 -7.66 -16.86 -3.74
N GLY A 73 -7.48 -15.55 -3.86
CA GLY A 73 -8.51 -14.59 -3.46
C GLY A 73 -8.90 -14.72 -2.00
N ARG A 74 -10.14 -15.12 -1.75
CA ARG A 74 -10.61 -15.29 -0.38
C ARG A 74 -9.75 -16.32 0.34
N GLY A 75 -9.04 -17.12 -0.44
CA GLY A 75 -8.19 -18.14 0.14
C GLY A 75 -6.82 -17.61 0.57
N GLU A 76 -6.53 -16.36 0.25
CA GLU A 76 -5.24 -15.78 0.64
C GLU A 76 -5.12 -15.62 2.15
N ALA A 77 -3.89 -15.69 2.65
CA ALA A 77 -3.65 -15.54 4.08
C ALA A 77 -4.15 -14.22 4.62
N VAL A 78 -3.93 -13.15 3.86
CA VAL A 78 -4.37 -11.83 4.30
C VAL A 78 -5.89 -11.74 4.28
N ALA A 79 -6.52 -12.42 3.32
CA ALA A 79 -7.99 -12.40 3.21
C ALA A 79 -8.61 -13.14 4.38
N LYS A 80 -7.99 -14.23 4.83
CA LYS A 80 -8.53 -14.98 5.94
C LYS A 80 -8.30 -14.22 7.24
N ALA A 81 -7.19 -13.47 7.30
CA ALA A 81 -6.89 -12.68 8.49
C ALA A 81 -7.91 -11.57 8.70
N VAL A 82 -8.30 -10.89 7.62
CA VAL A 82 -9.27 -9.81 7.73
C VAL A 82 -10.65 -10.33 8.09
N GLY A 83 -10.85 -11.64 7.99
CA GLY A 83 -12.13 -12.23 8.35
C GLY A 83 -13.04 -12.59 7.20
N ILE A 84 -12.59 -12.40 5.96
CA ILE A 84 -13.42 -12.74 4.81
C ILE A 84 -13.91 -14.18 4.92
N LYS A 85 -15.23 -14.36 4.86
CA LYS A 85 -15.84 -15.68 4.96
C LYS A 85 -17.25 -15.67 4.38
N GLY A 86 -17.54 -16.62 3.50
CA GLY A 86 -18.86 -16.67 2.90
C GLY A 86 -19.16 -15.37 2.19
N ASP A 87 -20.31 -14.76 2.51
CA ASP A 87 -20.70 -13.50 1.89
C ASP A 87 -20.31 -12.29 2.74
N TYR A 88 -19.47 -12.51 3.74
CA TYR A 88 -19.00 -11.43 4.59
C TYR A 88 -17.77 -10.80 3.94
N LEU A 89 -17.95 -9.57 3.45
CA LEU A 89 -16.89 -8.81 2.79
C LEU A 89 -16.80 -7.46 3.48
N PRO A 90 -16.04 -7.38 4.58
CA PRO A 90 -15.87 -6.16 5.36
C PRO A 90 -15.24 -4.96 4.67
N ASP A 91 -15.65 -3.78 5.09
CA ASP A 91 -15.05 -2.57 4.55
C ASP A 91 -13.70 -2.53 5.24
N VAL A 92 -12.65 -2.26 4.49
CA VAL A 92 -11.32 -2.23 5.06
C VAL A 92 -10.61 -0.91 4.82
N VAL A 93 -9.77 -0.52 5.78
CA VAL A 93 -8.96 0.67 5.66
C VAL A 93 -7.53 0.15 5.79
N ASP A 94 -6.77 0.32 4.72
CA ASP A 94 -5.36 -0.08 4.68
C ASP A 94 -4.61 1.18 5.07
N ALA A 95 -4.21 1.24 6.33
CA ALA A 95 -3.55 2.42 6.87
C ALA A 95 -2.10 2.60 6.42
N THR A 96 -1.56 1.62 5.70
CA THR A 96 -0.17 1.65 5.24
C THR A 96 -0.10 1.11 3.79
N ALA A 97 -0.78 1.76 2.86
CA ALA A 97 -0.86 1.33 1.46
C ALA A 97 0.39 0.78 0.75
N GLY A 98 1.49 1.53 0.77
CA GLY A 98 2.69 1.07 0.10
C GLY A 98 2.43 0.89 -1.39
N LEU A 99 2.71 -0.30 -1.92
CA LEU A 99 2.49 -0.57 -3.33
C LEU A 99 1.05 -0.99 -3.60
N GLY A 100 0.27 -1.12 -2.53
CA GLY A 100 -1.12 -1.51 -2.65
C GLY A 100 -1.38 -2.94 -3.06
N ARG A 101 -0.38 -3.81 -2.88
CA ARG A 101 -0.52 -5.22 -3.25
C ARG A 101 -1.59 -5.93 -2.43
N ASP A 102 -1.51 -5.82 -1.10
CA ASP A 102 -2.50 -6.47 -0.25
C ASP A 102 -3.88 -5.81 -0.42
N ALA A 103 -3.88 -4.49 -0.56
CA ALA A 103 -5.11 -3.75 -0.74
C ALA A 103 -5.85 -4.24 -1.97
N PHE A 104 -5.11 -4.41 -3.06
CA PHE A 104 -5.69 -4.87 -4.32
C PHE A 104 -6.34 -6.24 -4.20
N VAL A 105 -5.68 -7.13 -3.47
CA VAL A 105 -6.19 -8.48 -3.25
C VAL A 105 -7.54 -8.40 -2.56
N LEU A 106 -7.60 -7.67 -1.45
CA LEU A 106 -8.84 -7.53 -0.70
C LEU A 106 -9.96 -6.94 -1.56
N ALA A 107 -9.64 -5.90 -2.34
CA ALA A 107 -10.63 -5.27 -3.20
C ALA A 107 -11.09 -6.21 -4.32
N SER A 108 -10.17 -7.05 -4.80
CA SER A 108 -10.45 -8.01 -5.86
C SER A 108 -11.40 -9.11 -5.39
N VAL A 109 -11.34 -9.45 -4.12
CA VAL A 109 -12.19 -10.49 -3.57
C VAL A 109 -13.61 -9.95 -3.48
N GLY A 110 -13.73 -8.66 -3.20
CA GLY A 110 -15.05 -8.03 -3.11
C GLY A 110 -15.17 -6.97 -2.02
N CYS A 111 -14.09 -6.74 -1.28
CA CYS A 111 -14.09 -5.73 -0.20
C CYS A 111 -14.00 -4.30 -0.72
N ARG A 112 -14.55 -3.36 0.04
CA ARG A 112 -14.46 -1.96 -0.32
C ARG A 112 -13.25 -1.52 0.51
N VAL A 113 -12.20 -1.08 -0.16
CA VAL A 113 -10.98 -0.67 0.52
C VAL A 113 -10.58 0.79 0.32
N ARG A 114 -10.16 1.41 1.42
CA ARG A 114 -9.68 2.79 1.41
C ARG A 114 -8.22 2.71 1.81
N MSE A 115 -7.34 3.19 0.95
CA MSE A 115 -5.90 3.15 1.21
C MSE A 115 -5.35 4.48 1.69
O MSE A 115 -5.65 5.53 1.11
CB MSE A 115 -5.12 2.80 -0.06
CG MSE A 115 -5.33 1.42 -0.67
SE MSE A 115 -4.02 1.17 -2.09
CE MSE A 115 -4.87 2.23 -3.48
N LEU A 116 -4.53 4.44 2.73
CA LEU A 116 -3.89 5.64 3.23
C LEU A 116 -2.40 5.52 2.95
N GLU A 117 -1.79 6.63 2.51
CA GLU A 117 -0.36 6.64 2.24
C GLU A 117 0.16 8.04 2.50
N ARG A 118 1.16 8.14 3.35
CA ARG A 118 1.72 9.43 3.70
C ARG A 118 3.00 9.82 2.95
N ASN A 119 3.68 8.84 2.37
CA ASN A 119 4.89 9.14 1.59
C ASN A 119 4.45 9.70 0.25
N PRO A 120 4.79 10.97 -0.02
CA PRO A 120 4.42 11.60 -1.29
C PRO A 120 4.85 10.87 -2.55
N VAL A 121 6.05 10.30 -2.55
CA VAL A 121 6.54 9.58 -3.72
C VAL A 121 5.74 8.30 -3.90
N VAL A 122 5.52 7.56 -2.82
CA VAL A 122 4.75 6.33 -2.89
C VAL A 122 3.32 6.64 -3.38
N ALA A 123 2.72 7.67 -2.80
CA ALA A 123 1.38 8.08 -3.17
C ALA A 123 1.30 8.45 -4.66
N ALA A 124 2.33 9.12 -5.16
CA ALA A 124 2.38 9.52 -6.57
C ALA A 124 2.39 8.26 -7.44
N LEU A 125 3.18 7.28 -7.03
CA LEU A 125 3.27 6.01 -7.75
C LEU A 125 1.96 5.23 -7.72
N LEU A 126 1.28 5.27 -6.59
CA LEU A 126 0.00 4.57 -6.44
C LEU A 126 -1.07 5.26 -7.26
N ASP A 127 -1.08 6.59 -7.20
CA ASP A 127 -2.06 7.37 -7.94
C ASP A 127 -1.94 7.13 -9.45
N ASP A 128 -0.72 6.97 -9.95
CA ASP A 128 -0.50 6.72 -11.38
C ASP A 128 -1.02 5.32 -11.72
N GLY A 129 -0.77 4.36 -10.84
CA GLY A 129 -1.25 3.01 -11.09
C GLY A 129 -2.78 2.96 -11.03
N LEU A 130 -3.34 3.75 -10.12
CA LEU A 130 -4.79 3.80 -9.97
C LEU A 130 -5.42 4.42 -11.20
N ALA A 131 -4.78 5.44 -11.76
CA ALA A 131 -5.30 6.09 -12.95
C ALA A 131 -5.34 5.10 -14.10
N ARG A 132 -4.29 4.29 -14.23
CA ARG A 132 -4.26 3.29 -15.29
C ARG A 132 -5.25 2.18 -14.98
N GLY A 133 -5.39 1.85 -13.70
CA GLY A 133 -6.32 0.82 -13.29
C GLY A 133 -7.76 1.21 -13.57
N TYR A 134 -8.15 2.41 -13.13
CA TYR A 134 -9.52 2.87 -13.35
C TYR A 134 -9.87 2.90 -14.83
N ALA A 135 -8.86 3.15 -15.66
CA ALA A 135 -9.06 3.24 -17.11
C ALA A 135 -9.22 1.89 -17.80
N ASP A 136 -8.80 0.82 -17.14
CA ASP A 136 -8.90 -0.52 -17.71
C ASP A 136 -10.34 -0.90 -18.00
N ALA A 137 -10.62 -1.34 -19.22
CA ALA A 137 -11.98 -1.70 -19.60
C ALA A 137 -12.52 -2.91 -18.85
N GLU A 138 -11.64 -3.73 -18.29
CA GLU A 138 -12.08 -4.91 -17.58
C GLU A 138 -12.30 -4.67 -16.08
N ILE A 139 -11.24 -4.31 -15.36
CA ILE A 139 -11.35 -4.09 -13.91
C ILE A 139 -11.60 -2.65 -13.48
N GLY A 140 -11.51 -1.72 -14.42
CA GLY A 140 -11.69 -0.31 -14.12
C GLY A 140 -12.98 0.02 -13.39
N GLY A 141 -14.07 -0.61 -13.81
CA GLY A 141 -15.35 -0.37 -13.19
C GLY A 141 -15.37 -0.64 -11.70
N TRP A 142 -15.14 -1.89 -11.30
CA TRP A 142 -15.16 -2.21 -9.88
C TRP A 142 -13.97 -1.67 -9.10
N LEU A 143 -12.84 -1.46 -9.78
CA LEU A 143 -11.65 -0.95 -9.09
C LEU A 143 -11.91 0.45 -8.52
N GLN A 144 -12.53 1.30 -9.33
CA GLN A 144 -12.85 2.65 -8.92
C GLN A 144 -13.85 2.66 -7.77
N GLU A 145 -14.68 1.63 -7.70
CA GLU A 145 -15.66 1.57 -6.63
C GLU A 145 -15.13 0.95 -5.35
N ARG A 146 -14.24 -0.02 -5.47
CA ARG A 146 -13.73 -0.69 -4.28
C ARG A 146 -12.30 -0.37 -3.84
N LEU A 147 -11.61 0.51 -4.54
CA LEU A 147 -10.26 0.86 -4.14
C LEU A 147 -9.98 2.34 -4.34
N GLN A 148 -9.91 3.06 -3.22
CA GLN A 148 -9.64 4.50 -3.26
C GLN A 148 -8.40 4.81 -2.44
N LEU A 149 -7.66 5.83 -2.89
CA LEU A 149 -6.43 6.26 -2.24
C LEU A 149 -6.63 7.59 -1.51
N ILE A 150 -6.13 7.65 -0.28
CA ILE A 150 -6.21 8.85 0.52
C ILE A 150 -4.78 9.24 0.92
N HIS A 151 -4.38 10.46 0.61
CA HIS A 151 -3.04 10.91 0.97
C HIS A 151 -3.10 11.51 2.37
N ALA A 152 -2.68 10.74 3.37
CA ALA A 152 -2.69 11.22 4.74
C ALA A 152 -1.94 10.27 5.67
N SER A 153 -1.75 10.68 6.91
CA SER A 153 -1.06 9.85 7.88
C SER A 153 -2.06 9.20 8.81
N SER A 154 -2.07 7.87 8.82
CA SER A 154 -2.99 7.09 9.64
C SER A 154 -2.82 7.36 11.13
N LEU A 155 -1.68 7.93 11.50
CA LEU A 155 -1.41 8.25 12.89
C LEU A 155 -2.37 9.29 13.43
N THR A 156 -2.88 10.13 12.54
CA THR A 156 -3.80 11.20 12.93
C THR A 156 -5.07 11.28 12.08
N ALA A 157 -5.11 10.54 10.98
CA ALA A 157 -6.28 10.58 10.10
C ALA A 157 -7.26 9.45 10.38
N LEU A 158 -6.80 8.39 11.04
CA LEU A 158 -7.67 7.26 11.32
C LEU A 158 -8.87 7.60 12.22
N THR A 159 -8.66 8.45 13.21
CA THR A 159 -9.72 8.83 14.14
C THR A 159 -11.00 9.34 13.51
N ASP A 160 -10.89 10.27 12.57
CA ASP A 160 -12.06 10.85 11.92
C ASP A 160 -12.45 10.17 10.61
N ILE A 161 -12.19 8.87 10.51
CA ILE A 161 -12.56 8.13 9.30
C ILE A 161 -14.03 7.72 9.40
N THR A 162 -14.80 8.09 8.39
CA THR A 162 -16.22 7.76 8.34
C THR A 162 -16.67 7.47 6.91
N PRO A 163 -17.46 6.41 6.71
CA PRO A 163 -17.98 5.51 7.75
C PRO A 163 -16.87 4.60 8.32
N ARG A 164 -17.05 4.19 9.56
CA ARG A 164 -16.08 3.32 10.22
C ARG A 164 -15.98 1.98 9.50
N PRO A 165 -14.75 1.51 9.26
CA PRO A 165 -14.57 0.21 8.59
C PRO A 165 -14.67 -0.91 9.61
N GLN A 166 -14.95 -2.13 9.15
CA GLN A 166 -15.02 -3.25 10.07
C GLN A 166 -13.60 -3.69 10.42
N VAL A 167 -12.67 -3.47 9.49
CA VAL A 167 -11.29 -3.88 9.69
C VAL A 167 -10.26 -2.83 9.30
N VAL A 168 -9.14 -2.80 10.01
CA VAL A 168 -8.04 -1.90 9.68
C VAL A 168 -6.84 -2.80 9.47
N TYR A 169 -6.17 -2.64 8.33
CA TYR A 169 -5.00 -3.45 8.00
C TYR A 169 -3.74 -2.64 8.17
N LEU A 170 -2.77 -3.19 8.90
CA LEU A 170 -1.51 -2.50 9.16
C LEU A 170 -0.28 -3.29 8.74
N ASP A 171 0.53 -2.68 7.89
CA ASP A 171 1.76 -3.32 7.44
C ASP A 171 2.84 -2.26 7.25
N PRO A 172 3.19 -1.55 8.33
CA PRO A 172 4.23 -0.52 8.22
C PRO A 172 5.58 -1.16 7.92
N MSE A 173 6.50 -0.40 7.33
CA MSE A 173 7.81 -0.94 7.02
C MSE A 173 8.54 -1.26 8.32
O MSE A 173 8.78 -0.37 9.14
CB MSE A 173 8.62 0.07 6.20
CG MSE A 173 9.97 -0.46 5.69
SE MSE A 173 9.81 -2.09 4.58
CE MSE A 173 9.36 -1.23 2.90
N PHE A 174 8.85 -2.54 8.49
CA PHE A 174 9.54 -3.04 9.67
C PHE A 174 11.05 -2.88 9.44
N PRO A 175 11.83 -2.68 10.53
CA PRO A 175 13.28 -2.53 10.43
C PRO A 175 13.97 -3.86 10.12
N HIS A 176 13.90 -4.28 8.85
CA HIS A 176 14.49 -5.53 8.40
C HIS A 176 16.03 -5.53 8.44
N LYS A 177 16.61 -6.57 9.05
CA LYS A 177 18.06 -6.69 9.12
C LYS A 177 18.53 -7.84 8.24
N GLN A 178 17.77 -8.93 8.25
CA GLN A 178 18.12 -10.10 7.45
C GLN A 178 18.19 -9.73 5.97
N LYS A 184 13.94 -9.57 -3.73
CA LYS A 184 14.02 -9.34 -5.17
C LYS A 184 14.32 -7.89 -5.52
N LYS A 185 14.58 -7.65 -6.80
CA LYS A 185 14.91 -6.32 -7.30
C LYS A 185 13.88 -5.29 -6.86
N GLU A 186 12.61 -5.61 -7.09
CA GLU A 186 11.51 -4.73 -6.72
C GLU A 186 11.65 -4.23 -5.29
N MSE A 187 11.73 -5.16 -4.34
CA MSE A 187 11.87 -4.79 -2.95
C MSE A 187 13.10 -3.95 -2.66
O MSE A 187 13.05 -3.04 -1.85
CB MSE A 187 11.87 -6.03 -2.05
CG MSE A 187 10.50 -6.38 -1.48
SE MSE A 187 9.80 -4.98 -0.33
CE MSE A 187 9.79 -5.92 1.36
N ARG A 188 14.21 -4.25 -3.33
CA ARG A 188 15.43 -3.49 -3.10
C ARG A 188 15.23 -2.03 -3.49
N VAL A 189 14.54 -1.79 -4.61
CA VAL A 189 14.28 -0.44 -5.04
C VAL A 189 13.33 0.25 -4.08
N PHE A 190 12.21 -0.40 -3.78
CA PHE A 190 11.22 0.17 -2.88
C PHE A 190 11.77 0.47 -1.49
N GLN A 191 12.57 -0.45 -0.95
CA GLN A 191 13.14 -0.27 0.38
C GLN A 191 14.22 0.80 0.43
N SER A 192 14.79 1.14 -0.73
CA SER A 192 15.81 2.17 -0.80
C SER A 192 15.13 3.53 -0.63
N LEU A 193 13.83 3.55 -0.90
CA LEU A 193 13.04 4.78 -0.76
C LEU A 193 12.39 4.81 0.61
N VAL A 194 11.70 3.73 0.93
CA VAL A 194 10.97 3.61 2.18
C VAL A 194 11.73 2.90 3.28
N GLY A 195 12.25 3.68 4.22
CA GLY A 195 12.98 3.10 5.32
C GLY A 195 12.02 2.66 6.40
N PRO A 196 12.54 2.19 7.54
CA PRO A 196 11.71 1.75 8.67
C PRO A 196 10.77 2.87 9.11
N ASP A 197 9.52 2.54 9.38
CA ASP A 197 8.59 3.55 9.86
C ASP A 197 8.78 3.59 11.37
N LEU A 198 9.58 4.57 11.80
CA LEU A 198 9.96 4.78 13.20
C LEU A 198 8.83 4.94 14.22
N ASP A 199 7.69 5.45 13.76
CA ASP A 199 6.53 5.66 14.63
C ASP A 199 5.42 4.66 14.38
N ALA A 200 5.76 3.49 13.84
CA ALA A 200 4.75 2.49 13.54
C ALA A 200 3.99 1.95 14.75
N ASP A 201 4.68 1.77 15.87
CA ASP A 201 4.02 1.25 17.08
C ASP A 201 2.83 2.10 17.50
N GLY A 202 2.79 3.34 17.03
CA GLY A 202 1.70 4.23 17.38
C GLY A 202 0.43 4.02 16.58
N LEU A 203 0.45 3.09 15.63
CA LEU A 203 -0.72 2.82 14.80
C LEU A 203 -1.75 1.86 15.42
N LEU A 204 -1.30 0.95 16.27
CA LEU A 204 -2.21 -0.02 16.86
C LEU A 204 -3.37 0.60 17.62
N GLU A 205 -3.08 1.51 18.55
CA GLU A 205 -4.12 2.17 19.36
C GLU A 205 -5.22 2.80 18.51
N PRO A 206 -4.86 3.74 17.62
CA PRO A 206 -5.91 4.35 16.81
C PRO A 206 -6.60 3.37 15.87
N ALA A 207 -5.90 2.33 15.45
CA ALA A 207 -6.48 1.35 14.55
C ALA A 207 -7.58 0.55 15.24
N ARG A 208 -7.32 0.11 16.48
CA ARG A 208 -8.30 -0.68 17.20
C ARG A 208 -9.52 0.15 17.62
N LEU A 209 -9.37 1.47 17.67
CA LEU A 209 -10.47 2.34 18.03
C LEU A 209 -11.36 2.59 16.83
N LEU A 210 -10.74 2.67 15.64
CA LEU A 210 -11.49 2.92 14.42
C LEU A 210 -12.24 1.67 13.92
N ALA A 211 -11.55 0.54 13.87
CA ALA A 211 -12.16 -0.70 13.40
C ALA A 211 -13.27 -1.15 14.35
N THR A 212 -14.37 -1.64 13.79
CA THR A 212 -15.48 -2.10 14.62
C THR A 212 -15.38 -3.59 14.90
N LYS A 213 -14.69 -4.30 14.01
CA LYS A 213 -14.53 -5.74 14.14
C LYS A 213 -13.11 -6.21 14.39
N ARG A 214 -12.17 -5.79 13.56
CA ARG A 214 -10.81 -6.30 13.74
C ARG A 214 -9.69 -5.42 13.18
N VAL A 215 -8.50 -5.66 13.69
CA VAL A 215 -7.30 -4.98 13.25
C VAL A 215 -6.28 -6.08 12.95
N VAL A 216 -5.76 -6.08 11.73
CA VAL A 216 -4.78 -7.07 11.30
C VAL A 216 -3.43 -6.40 11.10
N VAL A 217 -2.38 -6.99 11.66
CA VAL A 217 -1.03 -6.44 11.54
C VAL A 217 -0.09 -7.48 10.91
N LYS A 218 0.53 -7.14 9.80
CA LYS A 218 1.46 -8.04 9.15
C LYS A 218 2.79 -7.97 9.88
N ARG A 219 3.37 -9.13 10.20
CA ARG A 219 4.64 -9.17 10.92
C ARG A 219 5.52 -10.28 10.39
N PRO A 220 6.82 -10.00 10.18
CA PRO A 220 7.70 -11.06 9.67
C PRO A 220 7.97 -12.05 10.80
N ASP A 221 8.53 -13.22 10.48
CA ASP A 221 8.82 -14.22 11.50
C ASP A 221 9.74 -13.70 12.60
N TYR A 222 9.39 -14.00 13.84
CA TYR A 222 10.14 -13.61 15.02
C TYR A 222 10.02 -12.12 15.38
N ALA A 223 9.42 -11.34 14.48
CA ALA A 223 9.25 -9.91 14.76
C ALA A 223 8.27 -9.74 15.92
N PRO A 224 8.58 -8.82 16.85
CA PRO A 224 7.69 -8.59 17.99
C PRO A 224 6.36 -8.01 17.53
N PRO A 225 5.29 -8.24 18.30
CA PRO A 225 3.99 -7.70 17.91
C PRO A 225 4.06 -6.17 17.94
N LEU A 226 3.22 -5.52 17.14
CA LEU A 226 3.21 -4.07 17.08
C LEU A 226 2.87 -3.47 18.45
N ALA A 227 3.69 -2.52 18.89
CA ALA A 227 3.49 -1.86 20.18
C ALA A 227 3.65 -2.83 21.34
N ASN A 228 4.29 -3.97 21.09
CA ASN A 228 4.50 -4.98 22.12
C ASN A 228 3.21 -5.51 22.72
N VAL A 229 2.10 -5.34 22.00
CA VAL A 229 0.81 -5.83 22.48
C VAL A 229 0.60 -7.24 21.93
N ALA A 230 0.79 -8.23 22.80
CA ALA A 230 0.64 -9.61 22.41
C ALA A 230 -0.79 -9.98 22.08
N THR A 231 -0.95 -10.94 21.17
CA THR A 231 -2.26 -11.42 20.80
C THR A 231 -2.21 -12.92 20.52
N PRO A 232 -3.23 -13.66 20.97
CA PRO A 232 -3.28 -15.11 20.76
C PRO A 232 -3.74 -15.54 19.37
N ASN A 233 -4.36 -14.61 18.64
CA ASN A 233 -4.89 -14.90 17.30
C ASN A 233 -4.00 -14.37 16.18
N ALA A 234 -3.74 -15.22 15.18
CA ALA A 234 -2.90 -14.83 14.06
C ALA A 234 -2.91 -15.89 12.96
N VAL A 235 -2.80 -15.43 11.72
CA VAL A 235 -2.74 -16.34 10.57
C VAL A 235 -1.27 -16.49 10.24
N VAL A 236 -0.79 -17.72 10.22
CA VAL A 236 0.61 -17.96 9.94
C VAL A 236 0.86 -18.49 8.53
N THR A 237 1.85 -17.91 7.87
CA THR A 237 2.22 -18.30 6.52
C THR A 237 3.74 -18.44 6.50
N LYS A 238 4.32 -18.80 5.36
CA LYS A 238 5.76 -18.95 5.30
C LYS A 238 6.42 -17.57 5.28
N GLY A 239 7.31 -17.32 6.23
CA GLY A 239 7.99 -16.04 6.28
C GLY A 239 7.39 -14.99 7.19
N HIS A 240 6.06 -14.94 7.26
CA HIS A 240 5.42 -13.93 8.10
C HIS A 240 4.10 -14.42 8.69
N ARG A 241 3.49 -13.59 9.55
CA ARG A 241 2.22 -13.91 10.18
C ARG A 241 1.36 -12.66 10.18
N PHE A 242 0.07 -12.84 10.44
CA PHE A 242 -0.86 -11.73 10.50
C PHE A 242 -1.49 -11.72 11.88
N ASP A 243 -1.04 -10.82 12.74
CA ASP A 243 -1.58 -10.72 14.08
C ASP A 243 -3.00 -10.17 14.01
N ILE A 244 -3.89 -10.75 14.81
CA ILE A 244 -5.29 -10.36 14.80
C ILE A 244 -5.73 -9.78 16.15
N TYR A 245 -6.23 -8.55 16.14
CA TYR A 245 -6.70 -7.91 17.37
C TYR A 245 -8.17 -7.58 17.24
N ALA A 246 -8.81 -7.35 18.38
CA ALA A 246 -10.22 -6.99 18.37
C ALA A 246 -10.36 -5.48 18.16
N GLY A 247 -11.45 -5.07 17.52
CA GLY A 247 -11.68 -3.65 17.29
C GLY A 247 -12.56 -3.09 18.39
N THR A 248 -13.31 -2.04 18.10
CA THR A 248 -14.20 -1.43 19.07
C THR A 248 -15.63 -1.39 18.53
N PRO A 249 -16.44 -2.39 18.89
CA PRO A 249 -17.83 -2.50 18.44
C PRO A 249 -18.59 -1.20 18.63
N VAL A 250 -19.53 -0.94 17.72
CA VAL A 250 -20.35 0.25 17.79
C VAL A 250 -21.35 0.13 18.94
N SAH B . 1.89 -4.04 2.64
CA SAH B . 1.85 -3.10 1.48
CB SAH B . 3.10 -2.20 1.49
CG SAH B . 3.84 -2.20 2.82
SD SAH B . 4.86 -0.73 3.06
C SAH B . 1.80 -3.90 0.18
O SAH B . 2.68 -3.68 -0.69
OXT SAH B . 0.89 -4.74 0.05
C5' SAH B . 3.95 0.22 4.27
C4' SAH B . 3.60 1.61 3.81
O4' SAH B . 2.96 2.32 4.91
C3' SAH B . 4.78 2.50 3.40
O3' SAH B . 4.70 2.81 2.01
C2' SAH B . 4.62 3.77 4.26
O2' SAH B . 4.85 4.98 3.56
C1' SAH B . 3.17 3.69 4.70
N9 SAH B . 2.87 4.40 5.93
C8 SAH B . 3.44 4.22 7.17
N7 SAH B . 2.83 4.86 8.13
C5 SAH B . 1.78 5.51 7.49
C6 SAH B . 0.76 6.35 7.96
N6 SAH B . 0.61 6.70 9.23
N1 SAH B . -0.13 6.82 7.05
C2 SAH B . 0.01 6.48 5.76
N3 SAH B . 0.93 5.69 5.21
C4 SAH B . 1.80 5.23 6.13
#